data_1OY7
#
_entry.id   1OY7
#
_cell.length_a   83.878
_cell.length_b   83.878
_cell.length_c   94.340
_cell.angle_alpha   90.00
_cell.angle_beta   90.00
_cell.angle_gamma   120.00
#
_symmetry.space_group_name_H-M   'P 32'
#
loop_
_entity.id
_entity.type
_entity.pdbx_description
1 polymer 'Baculoviral IAP repeat-containing protein 7'
2 polymer 'AEVVAVKSE peptide'
3 non-polymer 'ZINC ION'
4 non-polymer 3,6,9,12,15,18-HEXAOXAICOSANE-1,20-DIOL
5 water water
#
loop_
_entity_poly.entity_id
_entity_poly.type
_entity_poly.pdbx_seq_one_letter_code
_entity_poly.pdbx_strand_id
1 'polypeptide(L)'
;MGSSHHHHHHSSGLVPRGSHMLETEEEEEEGAGATLSRGPAFPGMGSEELRLASFYDWPLTAEVPPELLAAAGFFHTGHQ
DKVRCFFCYGGLQSWKRGDDPWTEHAKWFPSCQFLLRSKGRDFVHSVQETHSQLLGSWDP
;
A,B,C,D,E
2 'polypeptide(L)' AEVVAVKSE F
#
# COMPACT_ATOMS: atom_id res chain seq x y z
N ALA A 32 9.88 26.54 1.58
CA ALA A 32 9.39 25.49 0.64
C ALA A 32 9.66 24.08 1.18
N GLY A 33 8.77 23.15 0.83
CA GLY A 33 9.06 21.74 0.98
C GLY A 33 8.40 20.91 2.07
N ALA A 34 7.49 20.04 1.64
CA ALA A 34 7.02 18.94 2.47
C ALA A 34 8.15 17.95 2.57
N THR A 35 8.19 17.19 3.66
CA THR A 35 9.24 16.19 3.87
C THR A 35 8.68 14.78 3.76
N LEU A 36 9.48 13.88 3.21
CA LEU A 36 9.17 12.45 3.15
C LEU A 36 9.06 11.92 4.56
N SER A 37 8.02 11.15 4.83
CA SER A 37 7.86 10.55 6.17
C SER A 37 8.91 9.49 6.40
N ARG A 38 9.28 9.29 7.66
CA ARG A 38 10.39 8.41 8.01
C ARG A 38 9.96 7.00 8.40
N GLY A 39 8.65 6.78 8.51
CA GLY A 39 8.12 5.50 8.92
C GLY A 39 8.03 4.54 7.75
N PRO A 40 8.55 3.32 7.91
CA PRO A 40 8.33 2.24 6.94
C PRO A 40 6.84 1.98 6.74
N ALA A 41 6.44 1.65 5.51
CA ALA A 41 5.05 1.29 5.21
C ALA A 41 4.61 0.06 6.02
N PHE A 42 5.55 -0.87 6.22
CA PHE A 42 5.30 -2.11 6.93
C PHE A 42 6.54 -2.49 7.78
N PRO A 43 6.70 -1.88 8.96
CA PRO A 43 7.91 -2.04 9.79
C PRO A 43 8.30 -3.47 10.14
N GLY A 44 7.33 -4.36 10.30
CA GLY A 44 7.59 -5.75 10.65
C GLY A 44 8.41 -6.48 9.60
N MET A 45 8.13 -6.17 8.33
CA MET A 45 8.85 -6.73 7.19
C MET A 45 10.21 -6.05 6.96
N GLY A 46 10.61 -5.22 7.91
CA GLY A 46 11.91 -4.58 7.93
C GLY A 46 13.11 -5.52 7.99
N SER A 47 12.88 -6.74 8.44
CA SER A 47 13.94 -7.75 8.50
C SER A 47 14.04 -8.55 7.20
N GLU A 48 15.22 -8.56 6.60
CA GLU A 48 15.48 -9.34 5.38
C GLU A 48 15.10 -10.80 5.53
N GLU A 49 15.53 -11.38 6.65
CA GLU A 49 15.23 -12.77 7.01
C GLU A 49 13.71 -13.02 6.98
N LEU A 50 12.95 -12.13 7.61
CA LEU A 50 11.48 -12.22 7.59
C LEU A 50 10.92 -12.04 6.18
N ARG A 51 11.48 -11.10 5.42
CA ARG A 51 11.11 -10.90 4.02
C ARG A 51 11.30 -12.15 3.18
N LEU A 52 12.38 -12.88 3.46
CA LEU A 52 12.68 -14.15 2.79
C LEU A 52 11.61 -15.21 3.06
N ALA A 53 11.14 -15.29 4.31
CA ALA A 53 10.12 -16.26 4.68
C ALA A 53 8.87 -16.14 3.80
N SER A 54 8.48 -14.90 3.49
CA SER A 54 7.31 -14.60 2.64
C SER A 54 7.37 -15.25 1.25
N PHE A 55 8.59 -15.55 0.80
CA PHE A 55 8.80 -16.16 -0.52
C PHE A 55 8.70 -17.69 -0.53
N TYR A 56 8.23 -18.26 0.58
CA TYR A 56 8.04 -19.71 0.72
C TYR A 56 7.19 -20.33 -0.41
N ASP A 57 6.35 -19.52 -1.03
CA ASP A 57 5.51 -19.99 -2.13
C ASP A 57 5.70 -19.15 -3.41
N TRP A 58 6.88 -18.53 -3.53
CA TRP A 58 7.31 -17.84 -4.75
C TRP A 58 7.34 -18.83 -5.91
N PRO A 59 6.50 -18.58 -6.93
CA PRO A 59 6.14 -19.58 -7.95
C PRO A 59 7.29 -20.20 -8.75
N LEU A 60 7.03 -21.40 -9.28
CA LEU A 60 7.98 -22.14 -10.11
C LEU A 60 8.26 -21.43 -11.44
N THR A 61 7.20 -20.91 -12.07
CA THR A 61 7.32 -20.15 -13.33
C THR A 61 7.93 -18.74 -13.13
N ALA A 62 8.01 -18.28 -11.88
CA ALA A 62 8.71 -17.04 -11.54
C ALA A 62 10.20 -17.17 -11.88
N GLU A 63 10.81 -16.06 -12.26
CA GLU A 63 12.12 -16.10 -12.94
C GLU A 63 13.28 -15.43 -12.19
N VAL A 64 12.98 -14.77 -11.08
CA VAL A 64 13.96 -14.05 -10.28
C VAL A 64 14.07 -14.71 -8.89
N PRO A 65 15.28 -14.87 -8.35
CA PRO A 65 15.45 -15.53 -7.05
C PRO A 65 15.04 -14.66 -5.85
N PRO A 66 14.24 -15.22 -4.93
CA PRO A 66 13.81 -14.50 -3.72
C PRO A 66 14.92 -13.80 -2.93
N GLU A 67 16.13 -14.35 -2.91
CA GLU A 67 17.25 -13.74 -2.19
C GLU A 67 17.52 -12.34 -2.71
N LEU A 68 17.58 -12.20 -4.04
CA LEU A 68 17.80 -10.89 -4.66
C LEU A 68 16.64 -9.94 -4.35
N LEU A 69 15.43 -10.49 -4.40
CA LEU A 69 14.22 -9.74 -4.09
C LEU A 69 14.18 -9.24 -2.64
N ALA A 70 14.41 -10.14 -1.69
CA ALA A 70 14.37 -9.79 -0.27
C ALA A 70 15.47 -8.80 0.10
N ALA A 71 16.61 -8.93 -0.55
CA ALA A 71 17.74 -8.06 -0.27
C ALA A 71 17.40 -6.62 -0.65
N ALA A 72 16.70 -6.46 -1.78
CA ALA A 72 16.27 -5.16 -2.29
C ALA A 72 15.01 -4.59 -1.59
N GLY A 73 14.59 -5.22 -0.49
CA GLY A 73 13.54 -4.69 0.35
C GLY A 73 12.14 -5.22 0.07
N PHE A 74 12.00 -6.03 -0.97
CA PHE A 74 10.69 -6.55 -1.33
C PHE A 74 10.34 -7.79 -0.54
N PHE A 75 9.04 -7.93 -0.27
CA PHE A 75 8.49 -9.15 0.29
C PHE A 75 7.30 -9.55 -0.59
N HIS A 76 6.97 -10.83 -0.55
CA HIS A 76 5.95 -11.40 -1.42
C HIS A 76 4.53 -11.26 -0.85
N THR A 77 3.60 -10.77 -1.66
CA THR A 77 2.18 -10.74 -1.33
C THR A 77 1.40 -11.52 -2.37
N GLY A 78 0.18 -11.92 -2.02
CA GLY A 78 -0.68 -12.68 -2.93
C GLY A 78 -0.09 -14.05 -3.22
N HIS A 79 -0.54 -14.66 -4.32
CA HIS A 79 -0.08 -16.01 -4.64
C HIS A 79 0.70 -16.11 -5.96
N GLN A 80 0.63 -15.06 -6.79
CA GLN A 80 1.43 -14.96 -8.01
C GLN A 80 2.82 -14.41 -7.74
N ASP A 81 3.22 -13.39 -8.51
CA ASP A 81 4.57 -12.85 -8.42
C ASP A 81 4.61 -11.38 -8.01
N LYS A 82 3.56 -10.93 -7.29
CA LYS A 82 3.51 -9.57 -6.76
C LYS A 82 4.41 -9.43 -5.53
N VAL A 83 5.18 -8.34 -5.50
CA VAL A 83 5.96 -7.97 -4.33
C VAL A 83 5.68 -6.51 -3.97
N ARG A 84 6.02 -6.11 -2.74
CA ARG A 84 5.96 -4.71 -2.31
C ARG A 84 7.19 -4.41 -1.46
N CYS A 85 7.68 -3.19 -1.54
CA CYS A 85 8.80 -2.81 -0.69
C CYS A 85 8.29 -2.53 0.71
N PHE A 86 8.96 -3.08 1.71
CA PHE A 86 8.56 -2.91 3.10
C PHE A 86 8.58 -1.45 3.54
N PHE A 87 9.39 -0.63 2.87
CA PHE A 87 9.52 0.77 3.24
C PHE A 87 8.64 1.75 2.46
N CYS A 88 8.78 1.75 1.14
CA CYS A 88 8.04 2.67 0.27
C CYS A 88 6.71 2.07 -0.17
N TYR A 89 6.56 0.76 0.01
CA TYR A 89 5.36 0.02 -0.44
C TYR A 89 5.15 0.03 -1.95
N GLY A 90 6.24 0.31 -2.68
CA GLY A 90 6.25 0.15 -4.13
C GLY A 90 5.92 -1.28 -4.53
N GLY A 91 4.93 -1.45 -5.40
CA GLY A 91 4.46 -2.76 -5.82
C GLY A 91 4.82 -3.13 -7.25
N LEU A 92 5.48 -4.28 -7.40
CA LEU A 92 5.92 -4.78 -8.70
C LEU A 92 5.56 -6.23 -8.95
N GLN A 93 5.30 -6.54 -10.22
CA GLN A 93 5.02 -7.91 -10.66
C GLN A 93 5.59 -8.14 -12.06
N SER A 94 5.23 -9.28 -12.67
CA SER A 94 5.72 -9.70 -13.99
C SER A 94 7.24 -9.75 -14.05
N TRP A 95 7.83 -10.37 -13.03
CA TRP A 95 9.27 -10.55 -12.94
C TRP A 95 9.78 -11.52 -14.01
N LYS A 96 10.94 -11.18 -14.59
CA LYS A 96 11.50 -11.90 -15.75
C LYS A 96 13.00 -12.16 -15.58
N ARG A 97 13.49 -13.25 -16.18
CA ARG A 97 14.89 -13.63 -16.13
C ARG A 97 15.80 -12.45 -16.47
N GLY A 98 16.70 -12.11 -15.56
CA GLY A 98 17.62 -11.01 -15.78
C GLY A 98 17.26 -9.72 -15.07
N ASP A 99 15.96 -9.49 -14.85
CA ASP A 99 15.45 -8.32 -14.11
C ASP A 99 16.23 -8.12 -12.82
N ASP A 100 16.67 -6.90 -12.58
CA ASP A 100 17.40 -6.60 -11.37
C ASP A 100 16.50 -5.86 -10.36
N PRO A 101 16.23 -6.51 -9.23
CA PRO A 101 15.39 -5.95 -8.15
C PRO A 101 15.84 -4.57 -7.68
N TRP A 102 17.12 -4.40 -7.38
CA TRP A 102 17.64 -3.08 -6.98
C TRP A 102 17.42 -2.03 -8.07
N THR A 103 17.61 -2.43 -9.33
CA THR A 103 17.43 -1.56 -10.48
C THR A 103 15.96 -1.17 -10.65
N GLU A 104 15.10 -2.19 -10.69
CA GLU A 104 13.64 -1.97 -10.73
C GLU A 104 13.19 -1.02 -9.62
N HIS A 105 13.79 -1.17 -8.44
CA HIS A 105 13.52 -0.34 -7.28
C HIS A 105 13.78 1.13 -7.60
N ALA A 106 14.98 1.42 -8.10
CA ALA A 106 15.40 2.78 -8.46
C ALA A 106 14.64 3.34 -9.68
N LYS A 107 14.22 2.44 -10.56
CA LYS A 107 13.44 2.81 -11.73
C LYS A 107 12.09 3.36 -11.30
N TRP A 108 11.42 2.65 -10.38
CA TRP A 108 10.02 2.97 -10.06
C TRP A 108 9.80 3.80 -8.80
N PHE A 109 10.68 3.66 -7.82
CA PHE A 109 10.47 4.30 -6.51
C PHE A 109 11.75 5.03 -6.07
N PRO A 110 12.18 6.01 -6.88
CA PRO A 110 13.45 6.71 -6.67
C PRO A 110 13.61 7.32 -5.30
N SER A 111 12.51 7.71 -4.65
CA SER A 111 12.65 8.38 -3.36
C SER A 111 12.59 7.48 -2.12
N CYS A 112 12.43 6.17 -2.34
CA CYS A 112 12.39 5.21 -1.21
C CYS A 112 13.65 5.32 -0.35
N GLN A 113 13.46 5.68 0.91
CA GLN A 113 14.59 5.88 1.82
C GLN A 113 15.38 4.60 2.10
N PHE A 114 14.75 3.44 2.01
CA PHE A 114 15.47 2.17 2.13
C PHE A 114 16.41 1.98 0.95
N LEU A 115 15.92 2.30 -0.25
CA LEU A 115 16.72 2.18 -1.47
C LEU A 115 17.92 3.11 -1.45
N LEU A 116 17.75 4.31 -0.89
CA LEU A 116 18.82 5.31 -0.88
C LEU A 116 19.90 5.03 0.16
N ARG A 117 19.49 4.54 1.33
CA ARG A 117 20.44 4.17 2.37
C ARG A 117 21.29 2.99 1.92
N SER A 118 20.69 2.09 1.15
CA SER A 118 21.33 0.85 0.76
C SER A 118 22.22 0.99 -0.47
N LYS A 119 21.80 1.81 -1.44
CA LYS A 119 22.50 1.88 -2.73
C LYS A 119 23.12 3.23 -3.03
N GLY A 120 22.70 4.27 -2.30
CA GLY A 120 23.27 5.60 -2.43
C GLY A 120 22.66 6.49 -3.50
N ARG A 121 22.89 7.80 -3.35
CA ARG A 121 22.37 8.84 -4.23
C ARG A 121 22.75 8.66 -5.71
N ASP A 122 24.02 8.30 -5.96
CA ASP A 122 24.55 8.14 -7.31
C ASP A 122 23.86 7.02 -8.08
N PHE A 123 23.73 5.86 -7.45
CA PHE A 123 23.09 4.69 -8.07
C PHE A 123 21.68 5.02 -8.58
N VAL A 124 20.87 5.61 -7.71
CA VAL A 124 19.49 5.97 -8.05
C VAL A 124 19.47 6.97 -9.21
N HIS A 125 20.23 8.06 -9.06
CA HIS A 125 20.35 9.08 -10.10
C HIS A 125 20.75 8.45 -11.44
N SER A 126 21.66 7.47 -11.37
CA SER A 126 22.14 6.74 -12.53
C SER A 126 21.04 5.96 -13.26
N VAL A 127 20.12 5.37 -12.51
CA VAL A 127 19.03 4.59 -13.11
C VAL A 127 17.92 5.49 -13.64
N GLN A 128 17.68 6.62 -12.94
CA GLN A 128 16.67 7.59 -13.35
C GLN A 128 17.04 8.30 -14.66
N GLU A 129 18.33 8.60 -14.81
CA GLU A 129 18.83 9.33 -15.98
C GLU A 129 18.86 8.50 -17.27
N THR A 130 18.64 7.19 -17.17
CA THR A 130 18.61 6.32 -18.36
C THR A 130 17.20 5.82 -18.69
N ALA B 32 4.78 -16.04 36.85
CA ALA B 32 4.60 -15.11 35.69
C ALA B 32 5.95 -14.78 35.05
N GLY B 33 6.03 -14.92 33.73
CA GLY B 33 7.24 -14.66 32.99
C GLY B 33 7.14 -13.66 31.85
N ALA B 34 6.73 -14.15 30.68
CA ALA B 34 6.72 -13.35 29.46
C ALA B 34 5.69 -12.25 29.51
N THR B 35 5.89 -11.22 28.70
CA THR B 35 5.04 -10.05 28.71
C THR B 35 4.43 -9.84 27.34
N LEU B 36 3.15 -9.51 27.31
CA LEU B 36 2.48 -9.04 26.11
C LEU B 36 3.25 -7.86 25.49
N SER B 37 3.59 -7.98 24.21
CA SER B 37 4.20 -6.87 23.47
C SER B 37 3.19 -5.73 23.25
N ARG B 38 3.69 -4.49 23.18
CA ARG B 38 2.83 -3.31 23.19
C ARG B 38 2.44 -2.76 21.81
N GLY B 39 3.18 -3.18 20.78
CA GLY B 39 2.95 -2.70 19.43
C GLY B 39 1.74 -3.32 18.76
N PRO B 40 0.87 -2.48 18.19
CA PRO B 40 -0.25 -2.96 17.36
C PRO B 40 0.26 -3.75 16.17
N ALA B 41 -0.46 -4.80 15.77
CA ALA B 41 -0.13 -5.60 14.62
C ALA B 41 -0.03 -4.78 13.33
N PHE B 42 -0.89 -3.78 13.20
CA PHE B 42 -0.97 -2.95 12.00
C PHE B 42 -1.23 -1.49 12.45
N PRO B 43 -0.17 -0.82 12.91
CA PRO B 43 -0.31 0.53 13.49
C PRO B 43 -1.02 1.51 12.58
N GLY B 44 -0.79 1.40 11.28
CA GLY B 44 -1.53 2.19 10.31
C GLY B 44 -3.04 2.15 10.45
N MET B 45 -3.61 0.98 10.75
CA MET B 45 -5.07 0.88 10.90
C MET B 45 -5.56 1.29 12.29
N GLY B 46 -4.73 2.04 13.01
CA GLY B 46 -5.01 2.48 14.37
C GLY B 46 -6.02 3.60 14.52
N SER B 47 -6.41 4.20 13.41
CA SER B 47 -7.47 5.21 13.41
C SER B 47 -8.80 4.62 12.92
N GLU B 48 -9.88 4.94 13.63
CA GLU B 48 -11.21 4.40 13.30
C GLU B 48 -11.71 4.79 11.91
N GLU B 49 -11.46 6.04 11.48
CA GLU B 49 -11.87 6.48 10.14
C GLU B 49 -11.21 5.66 9.02
N LEU B 50 -9.92 5.33 9.18
CA LEU B 50 -9.21 4.50 8.22
C LEU B 50 -9.78 3.08 8.19
N ARG B 51 -10.05 2.53 9.37
CA ARG B 51 -10.68 1.22 9.45
C ARG B 51 -12.04 1.23 8.76
N LEU B 52 -12.78 2.31 8.99
CA LEU B 52 -14.12 2.45 8.45
C LEU B 52 -14.09 2.49 6.94
N ALA B 53 -13.04 3.11 6.38
CA ALA B 53 -12.88 3.20 4.92
C ALA B 53 -12.70 1.83 4.30
N SER B 54 -12.08 0.89 5.03
CA SER B 54 -11.84 -0.45 4.53
C SER B 54 -13.11 -1.24 4.25
N PHE B 55 -14.21 -0.77 4.82
CA PHE B 55 -15.51 -1.40 4.60
C PHE B 55 -16.29 -0.82 3.41
N TYR B 56 -15.58 -0.10 2.52
CA TYR B 56 -16.20 0.48 1.33
C TYR B 56 -16.89 -0.58 0.45
N ASP B 57 -16.42 -1.82 0.53
CA ASP B 57 -16.98 -2.93 -0.25
C ASP B 57 -17.49 -4.08 0.64
N TRP B 58 -17.94 -3.73 1.84
CA TRP B 58 -18.47 -4.71 2.79
C TRP B 58 -19.73 -5.32 2.17
N PRO B 59 -19.78 -6.66 2.06
CA PRO B 59 -20.92 -7.36 1.45
C PRO B 59 -22.26 -6.99 2.07
N LEU B 60 -23.17 -6.57 1.20
CA LEU B 60 -24.57 -6.28 1.54
C LEU B 60 -25.24 -7.40 2.35
N THR B 61 -24.91 -8.65 2.03
CA THR B 61 -25.48 -9.85 2.67
C THR B 61 -24.93 -10.14 4.06
N ALA B 62 -23.83 -9.49 4.43
CA ALA B 62 -23.29 -9.56 5.79
C ALA B 62 -23.99 -8.52 6.64
N GLU B 63 -24.77 -8.97 7.63
CA GLU B 63 -25.73 -8.08 8.29
C GLU B 63 -25.24 -7.46 9.60
N VAL B 64 -23.96 -7.11 9.63
CA VAL B 64 -23.38 -6.36 10.73
C VAL B 64 -22.86 -5.03 10.15
N PRO B 65 -23.27 -3.89 10.72
CA PRO B 65 -22.88 -2.57 10.18
C PRO B 65 -21.38 -2.30 10.34
N PRO B 66 -20.70 -1.83 9.29
CA PRO B 66 -19.27 -1.52 9.34
C PRO B 66 -18.86 -0.61 10.50
N GLU B 67 -19.75 0.31 10.89
CA GLU B 67 -19.47 1.28 11.95
C GLU B 67 -19.17 0.58 13.26
N LEU B 68 -19.94 -0.47 13.55
CA LEU B 68 -19.73 -1.23 14.77
C LEU B 68 -18.41 -2.00 14.70
N LEU B 69 -18.20 -2.66 13.56
CA LEU B 69 -16.96 -3.39 13.33
C LEU B 69 -15.71 -2.51 13.47
N ALA B 70 -15.73 -1.32 12.88
CA ALA B 70 -14.59 -0.41 12.94
C ALA B 70 -14.36 0.12 14.35
N ALA B 71 -15.45 0.40 15.06
CA ALA B 71 -15.36 0.93 16.42
C ALA B 71 -14.72 -0.11 17.31
N ALA B 72 -14.95 -1.39 16.99
CA ALA B 72 -14.46 -2.49 17.78
C ALA B 72 -13.06 -2.93 17.38
N GLY B 73 -12.43 -2.18 16.48
CA GLY B 73 -11.02 -2.39 16.17
C GLY B 73 -10.75 -3.11 14.88
N PHE B 74 -11.81 -3.51 14.19
CA PHE B 74 -11.72 -4.36 13.00
C PHE B 74 -11.70 -3.58 11.68
N PHE B 75 -10.91 -4.09 10.73
CA PHE B 75 -10.90 -3.59 9.37
C PHE B 75 -11.08 -4.74 8.40
N HIS B 76 -11.72 -4.46 7.27
CA HIS B 76 -11.98 -5.45 6.25
C HIS B 76 -10.70 -5.87 5.50
N THR B 77 -10.46 -7.17 5.42
CA THR B 77 -9.50 -7.75 4.47
C THR B 77 -10.27 -8.65 3.50
N GLY B 78 -9.78 -8.78 2.27
CA GLY B 78 -10.41 -9.65 1.28
C GLY B 78 -11.62 -9.00 0.66
N HIS B 79 -12.49 -9.82 0.06
CA HIS B 79 -13.68 -9.31 -0.63
C HIS B 79 -14.94 -10.02 -0.14
N GLN B 80 -14.79 -10.85 0.88
CA GLN B 80 -15.91 -11.46 1.57
C GLN B 80 -16.15 -10.70 2.87
N ASP B 81 -16.40 -11.42 3.97
CA ASP B 81 -16.71 -10.78 5.24
C ASP B 81 -15.64 -11.00 6.32
N LYS B 82 -14.39 -11.05 5.88
CA LYS B 82 -13.29 -11.26 6.80
C LYS B 82 -12.84 -9.92 7.36
N VAL B 83 -12.57 -9.92 8.66
CA VAL B 83 -12.04 -8.76 9.33
C VAL B 83 -10.88 -9.18 10.21
N ARG B 84 -10.02 -8.23 10.52
CA ARG B 84 -8.93 -8.42 11.46
C ARG B 84 -8.89 -7.27 12.43
N CYS B 85 -8.53 -7.53 13.68
CA CYS B 85 -8.27 -6.43 14.59
C CYS B 85 -6.92 -5.80 14.29
N PHE B 86 -6.88 -4.46 14.18
CA PHE B 86 -5.62 -3.74 13.92
C PHE B 86 -4.58 -4.00 15.02
N PHE B 87 -5.05 -4.21 16.24
CA PHE B 87 -4.12 -4.41 17.35
C PHE B 87 -3.67 -5.86 17.50
N CYS B 88 -4.61 -6.76 17.75
CA CYS B 88 -4.25 -8.15 18.03
C CYS B 88 -4.17 -9.01 16.78
N TYR B 89 -4.67 -8.50 15.66
CA TYR B 89 -4.70 -9.25 14.41
C TYR B 89 -5.62 -10.46 14.43
N GLY B 90 -6.46 -10.54 15.46
CA GLY B 90 -7.53 -11.52 15.50
C GLY B 90 -8.40 -11.44 14.27
N GLY B 91 -8.71 -12.59 13.68
CA GLY B 91 -9.49 -12.61 12.46
C GLY B 91 -10.80 -13.33 12.60
N LEU B 92 -11.85 -12.74 12.05
CA LEU B 92 -13.21 -13.28 12.19
C LEU B 92 -13.99 -13.12 10.91
N GLN B 93 -14.89 -14.05 10.67
CA GLN B 93 -15.73 -14.03 9.48
C GLN B 93 -17.05 -14.72 9.81
N SER B 94 -17.91 -14.86 8.80
CA SER B 94 -19.26 -15.43 8.93
C SER B 94 -20.15 -14.62 9.85
N TRP B 95 -20.06 -13.31 9.72
CA TRP B 95 -20.87 -12.38 10.49
C TRP B 95 -22.36 -12.55 10.17
N LYS B 96 -23.14 -12.78 11.23
CA LYS B 96 -24.58 -13.02 11.13
C LYS B 96 -25.31 -11.88 11.81
N ARG B 97 -26.58 -11.66 11.46
CA ARG B 97 -27.34 -10.57 12.09
C ARG B 97 -27.38 -10.72 13.61
N GLY B 98 -27.16 -9.60 14.31
CA GLY B 98 -27.18 -9.57 15.75
C GLY B 98 -25.86 -9.89 16.45
N ASP B 99 -24.86 -10.33 15.69
CA ASP B 99 -23.52 -10.52 16.25
C ASP B 99 -22.97 -9.17 16.70
N ASP B 100 -22.40 -9.15 17.89
CA ASP B 100 -21.88 -7.91 18.45
C ASP B 100 -20.34 -7.88 18.38
N PRO B 101 -19.78 -7.04 17.51
CA PRO B 101 -18.33 -7.00 17.30
C PRO B 101 -17.51 -6.98 18.59
N TRP B 102 -17.88 -6.14 19.56
CA TRP B 102 -17.17 -6.07 20.84
C TRP B 102 -17.22 -7.40 21.59
N THR B 103 -18.39 -8.02 21.64
CA THR B 103 -18.56 -9.32 22.30
C THR B 103 -17.70 -10.40 21.65
N GLU B 104 -17.69 -10.44 20.31
CA GLU B 104 -16.88 -11.40 19.57
C GLU B 104 -15.42 -11.19 19.90
N HIS B 105 -15.00 -9.92 19.88
CA HIS B 105 -13.64 -9.52 20.20
C HIS B 105 -13.24 -10.12 21.55
N ALA B 106 -14.03 -9.85 22.59
CA ALA B 106 -13.75 -10.34 23.95
C ALA B 106 -13.81 -11.85 24.02
N LYS B 107 -14.71 -12.44 23.24
CA LYS B 107 -14.87 -13.88 23.25
C LYS B 107 -13.62 -14.58 22.74
N TRP B 108 -13.05 -14.08 21.63
CA TRP B 108 -11.99 -14.78 20.95
C TRP B 108 -10.61 -14.26 21.29
N PHE B 109 -10.53 -12.96 21.61
CA PHE B 109 -9.24 -12.31 21.74
C PHE B 109 -9.07 -11.57 23.06
N PRO B 110 -9.26 -12.28 24.18
CA PRO B 110 -9.40 -11.65 25.51
C PRO B 110 -8.23 -10.79 25.98
N SER B 111 -7.04 -11.04 25.46
CA SER B 111 -5.91 -10.26 25.95
C SER B 111 -5.52 -9.10 25.01
N CYS B 112 -6.29 -8.87 23.95
CA CYS B 112 -6.09 -7.71 23.07
C CYS B 112 -6.10 -6.41 23.87
N GLN B 113 -4.98 -5.70 23.85
CA GLN B 113 -4.85 -4.45 24.59
C GLN B 113 -5.79 -3.35 24.10
N PHE B 114 -6.12 -3.32 22.82
CA PHE B 114 -7.06 -2.33 22.32
C PHE B 114 -8.45 -2.62 22.89
N LEU B 115 -8.81 -3.90 22.93
CA LEU B 115 -10.09 -4.31 23.50
C LEU B 115 -10.12 -3.94 24.99
N LEU B 116 -9.04 -4.28 25.71
CA LEU B 116 -8.96 -4.05 27.15
C LEU B 116 -9.00 -2.56 27.54
N ARG B 117 -8.33 -1.73 26.75
CA ARG B 117 -8.33 -0.28 26.97
C ARG B 117 -9.71 0.28 26.65
N SER B 118 -10.35 -0.28 25.62
CA SER B 118 -11.63 0.25 25.14
C SER B 118 -12.81 -0.14 26.02
N LYS B 119 -12.90 -1.43 26.37
CA LYS B 119 -14.06 -1.94 27.10
C LYS B 119 -13.84 -2.30 28.57
N GLY B 120 -12.58 -2.40 29.00
CA GLY B 120 -12.25 -2.71 30.39
C GLY B 120 -12.10 -4.19 30.68
N ARG B 121 -11.39 -4.53 31.76
CA ARG B 121 -11.22 -5.93 32.19
C ARG B 121 -12.52 -6.64 32.53
N ASP B 122 -13.43 -5.92 33.18
CA ASP B 122 -14.68 -6.51 33.65
C ASP B 122 -15.49 -7.05 32.49
N PHE B 123 -15.63 -6.24 31.45
CA PHE B 123 -16.35 -6.64 30.26
C PHE B 123 -15.75 -7.92 29.70
N VAL B 124 -14.43 -7.93 29.52
CA VAL B 124 -13.76 -9.06 28.88
C VAL B 124 -13.96 -10.29 29.74
N HIS B 125 -13.72 -10.15 31.03
CA HIS B 125 -13.94 -11.21 32.00
C HIS B 125 -15.38 -11.77 31.95
N SER B 126 -16.36 -10.86 31.91
CA SER B 126 -17.77 -11.25 31.91
C SER B 126 -18.11 -12.06 30.67
N VAL B 127 -17.65 -11.59 29.51
CA VAL B 127 -17.85 -12.29 28.26
C VAL B 127 -17.17 -13.65 28.30
N GLN B 128 -15.96 -13.71 28.87
CA GLN B 128 -15.25 -15.00 28.96
C GLN B 128 -16.06 -16.05 29.73
N GLU B 129 -16.67 -15.66 30.84
CA GLU B 129 -17.39 -16.63 31.64
C GLU B 129 -18.84 -16.91 31.22
N THR B 130 -19.41 -16.09 30.34
CA THR B 130 -20.74 -16.40 29.81
C THR B 130 -20.68 -17.03 28.42
N HIS B 131 -19.52 -16.93 27.77
CA HIS B 131 -19.37 -17.42 26.40
C HIS B 131 -18.27 -18.47 26.35
N SER B 132 -18.36 -19.42 27.28
CA SER B 132 -17.55 -20.63 27.36
C SER B 132 -17.32 -21.03 28.82
N ALA C 32 -22.24 -19.68 18.16
CA ALA C 32 -23.29 -18.64 18.00
C ALA C 32 -23.14 -17.85 16.68
N GLY C 33 -22.19 -16.90 16.66
CA GLY C 33 -22.06 -15.97 15.55
C GLY C 33 -20.82 -16.10 14.69
N ALA C 34 -19.95 -15.10 14.77
CA ALA C 34 -18.75 -15.04 13.96
C ALA C 34 -17.84 -16.23 14.26
N THR C 35 -17.02 -16.60 13.29
CA THR C 35 -16.06 -17.69 13.47
C THR C 35 -14.63 -17.19 13.23
N LEU C 36 -13.67 -17.92 13.80
CA LEU C 36 -12.24 -17.69 13.58
C LEU C 36 -11.83 -17.93 12.12
N SER C 37 -11.16 -16.97 11.52
CA SER C 37 -10.57 -17.16 10.20
C SER C 37 -9.45 -18.18 10.27
N ARG C 38 -9.26 -18.91 9.16
CA ARG C 38 -8.38 -20.06 9.13
C ARG C 38 -6.94 -19.74 8.71
N GLY C 39 -6.73 -18.59 8.10
CA GLY C 39 -5.41 -18.24 7.60
C GLY C 39 -4.40 -17.89 8.69
N PRO C 40 -3.18 -18.45 8.60
CA PRO C 40 -2.07 -18.00 9.45
C PRO C 40 -1.76 -16.54 9.18
N ALA C 41 -1.41 -15.78 10.20
CA ALA C 41 -1.01 -14.40 10.03
C ALA C 41 0.22 -14.29 9.12
N PHE C 42 1.19 -15.18 9.33
CA PHE C 42 2.44 -15.20 8.58
C PHE C 42 2.66 -16.61 8.02
N PRO C 43 2.04 -16.92 6.89
CA PRO C 43 2.10 -18.28 6.33
C PRO C 43 3.54 -18.78 6.14
N GLY C 44 4.41 -17.91 5.67
CA GLY C 44 5.80 -18.24 5.46
C GLY C 44 6.48 -18.88 6.66
N MET C 45 6.05 -18.47 7.85
CA MET C 45 6.70 -18.94 9.08
C MET C 45 6.00 -20.19 9.66
N GLY C 46 5.20 -20.84 8.81
CA GLY C 46 4.59 -22.10 9.14
C GLY C 46 5.60 -23.21 9.35
N SER C 47 6.74 -23.10 8.69
CA SER C 47 7.83 -24.04 8.83
C SER C 47 8.60 -23.78 10.12
N GLU C 48 8.71 -24.81 10.96
CA GLU C 48 9.50 -24.71 12.19
C GLU C 48 10.97 -24.41 11.91
N GLU C 49 11.50 -25.02 10.86
CA GLU C 49 12.85 -24.78 10.38
C GLU C 49 13.10 -23.29 10.19
N LEU C 50 12.19 -22.63 9.46
CA LEU C 50 12.29 -21.19 9.22
C LEU C 50 12.15 -20.35 10.50
N ARG C 51 11.24 -20.76 11.40
CA ARG C 51 11.06 -20.09 12.69
C ARG C 51 12.30 -20.21 13.56
N LEU C 52 12.91 -21.39 13.57
CA LEU C 52 14.17 -21.61 14.27
C LEU C 52 15.26 -20.68 13.73
N ALA C 53 15.49 -20.76 12.42
CA ALA C 53 16.46 -19.92 11.73
C ALA C 53 16.38 -18.46 12.19
N SER C 54 15.15 -17.95 12.35
CA SER C 54 14.92 -16.55 12.75
C SER C 54 15.56 -16.19 14.09
N PHE C 55 16.06 -17.19 14.81
CA PHE C 55 16.66 -16.97 16.12
C PHE C 55 18.19 -16.88 16.10
N TYR C 56 18.77 -16.87 14.90
CA TYR C 56 20.23 -16.70 14.69
C TYR C 56 20.84 -15.55 15.50
N ASP C 57 20.04 -14.50 15.73
CA ASP C 57 20.49 -13.29 16.39
C ASP C 57 19.74 -13.10 17.73
N TRP C 58 19.29 -14.20 18.32
CA TRP C 58 18.54 -14.17 19.59
C TRP C 58 19.48 -13.74 20.72
N PRO C 59 19.11 -12.69 21.46
CA PRO C 59 19.95 -12.12 22.51
C PRO C 59 20.59 -13.16 23.42
N LEU C 60 21.82 -12.88 23.83
CA LEU C 60 22.58 -13.76 24.72
C LEU C 60 22.33 -13.41 26.20
N THR C 61 21.47 -12.42 26.43
CA THR C 61 20.88 -12.15 27.75
C THR C 61 19.51 -12.84 27.89
N ALA C 62 19.10 -13.57 26.84
CA ALA C 62 17.79 -14.23 26.79
C ALA C 62 17.81 -15.67 27.33
N GLU C 63 16.97 -15.90 28.35
CA GLU C 63 17.04 -17.11 29.18
C GLU C 63 16.14 -18.28 28.74
N VAL C 64 15.60 -18.21 27.53
CA VAL C 64 14.78 -19.28 26.95
C VAL C 64 15.33 -19.69 25.57
N PRO C 65 15.63 -20.98 25.41
CA PRO C 65 16.18 -21.50 24.15
C PRO C 65 15.28 -21.29 22.93
N PRO C 66 15.89 -20.93 21.80
CA PRO C 66 15.16 -20.75 20.54
C PRO C 66 14.31 -21.96 20.14
N GLU C 67 14.82 -23.17 20.35
CA GLU C 67 14.12 -24.39 19.91
C GLU C 67 12.75 -24.49 20.57
N LEU C 68 12.67 -24.07 21.83
CA LEU C 68 11.43 -24.09 22.59
C LEU C 68 10.43 -23.14 21.97
N LEU C 69 10.89 -21.93 21.69
CA LEU C 69 10.03 -20.88 21.18
C LEU C 69 9.52 -21.23 19.78
N ALA C 70 10.40 -21.74 18.94
CA ALA C 70 10.03 -22.09 17.58
C ALA C 70 9.06 -23.26 17.55
N ALA C 71 9.26 -24.23 18.44
CA ALA C 71 8.33 -25.37 18.54
C ALA C 71 6.89 -24.88 18.86
N ALA C 72 6.81 -23.90 19.75
CA ALA C 72 5.54 -23.35 20.20
C ALA C 72 4.95 -22.32 19.23
N GLY C 73 5.53 -22.21 18.03
CA GLY C 73 4.96 -21.42 16.96
C GLY C 73 5.53 -20.01 16.79
N PHE C 74 6.50 -19.65 17.61
CA PHE C 74 7.03 -18.30 17.63
C PHE C 74 8.25 -18.09 16.74
N PHE C 75 8.30 -16.93 16.11
CA PHE C 75 9.50 -16.48 15.43
C PHE C 75 10.01 -15.19 16.07
N HIS C 76 11.31 -14.92 15.92
CA HIS C 76 11.93 -13.70 16.44
C HIS C 76 11.70 -12.55 15.47
N THR C 77 11.37 -11.37 15.99
CA THR C 77 11.08 -10.23 15.10
C THR C 77 12.35 -9.47 14.69
N GLY C 78 13.42 -9.68 15.45
CA GLY C 78 14.70 -9.03 15.19
C GLY C 78 15.11 -8.09 16.32
N HIS C 79 14.12 -7.54 17.01
CA HIS C 79 14.35 -6.54 18.07
C HIS C 79 14.26 -7.16 19.45
N GLN C 80 15.34 -7.01 20.22
CA GLN C 80 15.46 -7.53 21.59
C GLN C 80 15.02 -8.98 21.66
N ASP C 81 14.15 -9.31 22.62
CA ASP C 81 13.67 -10.68 22.79
C ASP C 81 12.19 -10.84 22.39
N LYS C 82 11.73 -9.95 21.52
CA LYS C 82 10.35 -9.97 21.04
C LYS C 82 10.10 -11.13 20.09
N VAL C 83 8.99 -11.84 20.30
CA VAL C 83 8.56 -12.93 19.40
C VAL C 83 7.11 -12.74 18.98
N ARG C 84 6.76 -13.35 17.85
CA ARG C 84 5.39 -13.40 17.40
C ARG C 84 5.06 -14.79 16.91
N CYS C 85 3.82 -15.22 17.16
CA CYS C 85 3.35 -16.49 16.63
C CYS C 85 3.04 -16.36 15.13
N PHE C 86 3.52 -17.30 14.33
CA PHE C 86 3.25 -17.24 12.90
C PHE C 86 1.76 -17.28 12.63
N PHE C 87 1.01 -17.98 13.49
CA PHE C 87 -0.41 -18.16 13.23
C PHE C 87 -1.30 -17.02 13.73
N CYS C 88 -1.32 -16.81 15.05
CA CYS C 88 -2.21 -15.83 15.65
C CYS C 88 -1.57 -14.45 15.75
N TYR C 89 -0.27 -14.39 15.46
CA TYR C 89 0.50 -13.15 15.50
C TYR C 89 0.65 -12.56 16.90
N GLY C 90 0.31 -13.35 17.92
CA GLY C 90 0.47 -12.91 19.30
C GLY C 90 1.91 -12.60 19.61
N GLY C 91 2.14 -11.46 20.27
CA GLY C 91 3.49 -11.00 20.54
C GLY C 91 3.88 -11.07 22.00
N LEU C 92 5.03 -11.66 22.27
CA LEU C 92 5.54 -11.74 23.63
C LEU C 92 7.01 -11.35 23.69
N GLN C 93 7.42 -10.88 24.85
CA GLN C 93 8.80 -10.46 25.12
C GLN C 93 9.09 -10.57 26.63
N SER C 94 10.29 -10.14 27.05
CA SER C 94 10.76 -10.21 28.45
C SER C 94 10.75 -11.64 28.94
N TRP C 95 11.33 -12.54 28.14
CA TRP C 95 11.36 -13.95 28.47
C TRP C 95 12.32 -14.18 29.63
N LYS C 96 11.91 -15.03 30.57
CA LYS C 96 12.72 -15.35 31.75
C LYS C 96 12.94 -16.85 31.85
N ARG C 97 13.98 -17.22 32.61
CA ARG C 97 14.31 -18.62 32.89
C ARG C 97 13.07 -19.32 33.43
N GLY C 98 12.67 -20.41 32.78
CA GLY C 98 11.56 -21.21 33.24
C GLY C 98 10.18 -20.81 32.74
N ASP C 99 10.10 -19.86 31.81
CA ASP C 99 8.88 -19.65 31.05
C ASP C 99 8.71 -20.82 30.09
N ASP C 100 7.48 -21.33 29.99
CA ASP C 100 7.19 -22.37 29.02
C ASP C 100 6.43 -21.73 27.85
N PRO C 101 7.08 -21.60 26.69
CA PRO C 101 6.43 -21.03 25.51
C PRO C 101 5.03 -21.60 25.22
N TRP C 102 4.82 -22.91 25.32
CA TRP C 102 3.47 -23.47 25.15
C TRP C 102 2.50 -22.88 26.15
N THR C 103 2.88 -22.89 27.42
CA THR C 103 2.03 -22.37 28.49
C THR C 103 1.73 -20.91 28.25
N GLU C 104 2.75 -20.15 27.86
CA GLU C 104 2.58 -18.72 27.63
C GLU C 104 1.67 -18.51 26.43
N HIS C 105 1.83 -19.34 25.40
CA HIS C 105 0.98 -19.28 24.22
C HIS C 105 -0.48 -19.41 24.66
N ALA C 106 -0.75 -20.32 25.60
CA ALA C 106 -2.11 -20.62 26.06
C ALA C 106 -2.67 -19.54 26.98
N LYS C 107 -1.79 -18.95 27.78
CA LYS C 107 -2.18 -17.91 28.72
C LYS C 107 -2.67 -16.66 27.98
N TRP C 108 -1.99 -16.28 26.90
CA TRP C 108 -2.25 -15.01 26.25
C TRP C 108 -3.07 -15.11 24.98
N PHE C 109 -2.95 -16.25 24.27
CA PHE C 109 -3.62 -16.38 22.98
C PHE C 109 -4.48 -17.64 22.87
N PRO C 110 -5.47 -17.76 23.77
CA PRO C 110 -6.21 -19.03 23.95
C PRO C 110 -6.91 -19.57 22.72
N SER C 111 -7.26 -18.72 21.77
CA SER C 111 -7.97 -19.25 20.60
C SER C 111 -7.09 -19.36 19.34
N CYS C 112 -5.78 -19.41 19.54
CA CYS C 112 -4.84 -19.63 18.44
C CYS C 112 -5.03 -21.04 17.89
N GLN C 113 -5.31 -21.12 16.60
CA GLN C 113 -5.62 -22.43 16.02
C GLN C 113 -4.44 -23.37 15.94
N PHE C 114 -3.24 -22.81 15.79
CA PHE C 114 -2.03 -23.61 15.87
C PHE C 114 -1.87 -24.17 17.29
N LEU C 115 -1.95 -23.31 18.29
CA LEU C 115 -1.92 -23.75 19.68
C LEU C 115 -2.94 -24.87 19.95
N LEU C 116 -4.20 -24.65 19.56
CA LEU C 116 -5.27 -25.62 19.79
C LEU C 116 -5.08 -26.97 19.05
N ARG C 117 -4.70 -26.93 17.78
CA ARG C 117 -4.39 -28.12 17.00
C ARG C 117 -3.28 -28.96 17.64
N SER C 118 -2.23 -28.27 18.10
CA SER C 118 -1.06 -28.92 18.69
C SER C 118 -1.35 -29.49 20.08
N LYS C 119 -1.93 -28.64 20.96
CA LYS C 119 -2.01 -28.95 22.37
C LYS C 119 -3.40 -29.29 22.90
N GLY C 120 -4.44 -28.91 22.15
CA GLY C 120 -5.80 -29.26 22.53
C GLY C 120 -6.50 -28.26 23.43
N ARG C 121 -7.83 -28.33 23.40
CA ARG C 121 -8.72 -27.48 24.18
C ARG C 121 -8.52 -27.60 25.68
N ASP C 122 -8.41 -28.83 26.19
CA ASP C 122 -8.28 -29.08 27.62
C ASP C 122 -7.04 -28.44 28.20
N PHE C 123 -5.94 -28.48 27.45
CA PHE C 123 -4.74 -27.82 27.89
C PHE C 123 -4.94 -26.31 28.00
N VAL C 124 -5.44 -25.71 26.93
CA VAL C 124 -5.64 -24.26 26.91
C VAL C 124 -6.58 -23.82 28.03
N HIS C 125 -7.68 -24.55 28.20
CA HIS C 125 -8.64 -24.32 29.27
C HIS C 125 -7.97 -24.36 30.63
N SER C 126 -7.17 -25.41 30.87
CA SER C 126 -6.48 -25.60 32.14
C SER C 126 -5.51 -24.46 32.47
N VAL C 127 -4.75 -24.01 31.46
CA VAL C 127 -3.86 -22.88 31.63
C VAL C 127 -4.69 -21.62 31.89
N GLN C 128 -5.75 -21.42 31.10
CA GLN C 128 -6.63 -20.26 31.26
C GLN C 128 -7.18 -20.10 32.69
N GLU C 129 -7.59 -21.22 33.29
CA GLU C 129 -8.22 -21.12 34.60
C GLU C 129 -7.25 -20.91 35.77
N THR C 130 -6.06 -21.51 35.70
CA THR C 130 -5.10 -21.37 36.79
C THR C 130 -4.20 -20.14 36.64
N HIS C 131 -4.41 -19.36 35.58
CA HIS C 131 -3.66 -18.12 35.34
C HIS C 131 -4.61 -16.98 35.01
N SER C 132 -5.55 -16.72 35.93
CA SER C 132 -6.53 -15.64 35.82
C SER C 132 -7.70 -15.91 36.77
N ALA D 32 14.91 -5.73 -18.82
CA ALA D 32 13.83 -5.07 -18.02
C ALA D 32 12.42 -5.47 -18.52
N GLY D 33 11.48 -5.54 -17.59
CA GLY D 33 10.12 -5.92 -17.90
C GLY D 33 9.23 -6.15 -16.68
N ALA D 34 9.73 -5.82 -15.50
CA ALA D 34 8.92 -5.88 -14.28
C ALA D 34 7.98 -4.69 -14.27
N THR D 35 6.69 -4.96 -14.10
CA THR D 35 5.69 -3.90 -14.21
C THR D 35 5.20 -3.40 -12.85
N LEU D 36 4.72 -2.16 -12.84
CA LEU D 36 4.03 -1.59 -11.71
C LEU D 36 2.72 -2.32 -11.45
N SER D 37 2.45 -2.62 -10.18
CA SER D 37 1.19 -3.23 -9.78
C SER D 37 0.05 -2.21 -9.85
N ARG D 38 -1.10 -2.68 -10.33
CA ARG D 38 -2.21 -1.80 -10.64
C ARG D 38 -3.14 -1.53 -9.45
N GLY D 39 -2.96 -2.28 -8.36
CA GLY D 39 -3.82 -2.14 -7.19
C GLY D 39 -3.50 -0.95 -6.29
N PRO D 40 -4.50 -0.13 -5.98
CA PRO D 40 -4.32 0.92 -4.95
C PRO D 40 -3.88 0.30 -3.62
N ALA D 41 -2.93 0.89 -2.93
CA ALA D 41 -2.49 0.38 -1.62
C ALA D 41 -3.67 0.32 -0.61
N PHE D 42 -4.52 1.33 -0.65
CA PHE D 42 -5.64 1.47 0.28
C PHE D 42 -6.90 1.76 -0.55
N PRO D 43 -7.48 0.72 -1.13
CA PRO D 43 -8.66 0.89 -2.00
C PRO D 43 -9.84 1.68 -1.40
N GLY D 44 -10.09 1.56 -0.10
CA GLY D 44 -11.21 2.27 0.52
C GLY D 44 -11.07 3.79 0.48
N MET D 45 -9.82 4.24 0.52
CA MET D 45 -9.49 5.66 0.48
C MET D 45 -9.45 6.25 -0.95
N GLY D 46 -9.92 5.47 -1.93
CA GLY D 46 -10.16 5.96 -3.27
C GLY D 46 -11.24 7.02 -3.30
N SER D 47 -12.10 7.03 -2.29
CA SER D 47 -13.13 8.06 -2.15
C SER D 47 -12.54 9.34 -1.55
N GLU D 48 -12.64 10.43 -2.30
CA GLU D 48 -12.20 11.74 -1.83
C GLU D 48 -12.96 12.14 -0.57
N GLU D 49 -14.27 11.87 -0.58
CA GLU D 49 -15.12 12.10 0.58
C GLU D 49 -14.52 11.49 1.84
N LEU D 50 -14.13 10.21 1.74
CA LEU D 50 -13.56 9.51 2.88
C LEU D 50 -12.20 10.07 3.23
N ARG D 51 -11.38 10.36 2.22
CA ARG D 51 -10.08 10.95 2.43
C ARG D 51 -10.19 12.24 3.23
N LEU D 52 -11.10 13.14 2.80
CA LEU D 52 -11.37 14.38 3.53
C LEU D 52 -11.81 14.15 4.97
N ALA D 53 -12.67 13.16 5.17
CA ALA D 53 -13.18 12.88 6.51
C ALA D 53 -12.06 12.47 7.46
N SER D 54 -10.97 11.92 6.89
CA SER D 54 -9.82 11.50 7.70
C SER D 54 -9.08 12.66 8.37
N PHE D 55 -9.36 13.89 7.92
CA PHE D 55 -8.69 15.10 8.38
C PHE D 55 -9.41 15.83 9.52
N TYR D 56 -10.47 15.25 10.06
CA TYR D 56 -11.17 15.88 11.18
C TYR D 56 -10.21 16.35 12.29
N ASP D 57 -9.17 15.56 12.54
CA ASP D 57 -8.19 15.85 13.60
C ASP D 57 -6.90 16.49 13.09
N TRP D 58 -6.96 17.13 11.94
CA TRP D 58 -5.81 17.84 11.37
C TRP D 58 -5.37 18.88 12.39
N PRO D 59 -4.06 18.95 12.68
CA PRO D 59 -3.53 19.90 13.66
C PRO D 59 -3.89 21.34 13.33
N LEU D 60 -4.19 22.15 14.35
CA LEU D 60 -4.49 23.58 14.11
C LEU D 60 -3.25 24.39 13.77
N THR D 61 -2.07 23.80 13.94
CA THR D 61 -0.82 24.48 13.59
C THR D 61 -0.47 24.28 12.12
N ALA D 62 -1.15 23.36 11.43
CA ALA D 62 -0.80 22.98 10.06
C ALA D 62 -1.04 24.11 9.05
N GLU D 63 -0.37 24.03 7.91
CA GLU D 63 -0.33 25.18 7.02
C GLU D 63 -0.85 24.91 5.62
N VAL D 64 -1.34 23.69 5.40
CA VAL D 64 -1.97 23.31 4.14
C VAL D 64 -3.34 22.70 4.45
N PRO D 65 -4.38 23.09 3.72
CA PRO D 65 -5.75 22.66 4.04
C PRO D 65 -6.05 21.21 3.68
N PRO D 66 -6.77 20.51 4.55
CA PRO D 66 -7.29 19.17 4.25
C PRO D 66 -7.88 19.03 2.85
N GLU D 67 -8.69 20.00 2.44
CA GLU D 67 -9.38 19.89 1.16
C GLU D 67 -8.40 19.70 -0.01
N LEU D 68 -7.35 20.50 -0.03
CA LEU D 68 -6.31 20.40 -1.05
C LEU D 68 -5.62 19.04 -0.98
N LEU D 69 -5.23 18.64 0.22
CA LEU D 69 -4.57 17.36 0.42
C LEU D 69 -5.41 16.20 -0.08
N ALA D 70 -6.67 16.18 0.34
CA ALA D 70 -7.61 15.13 -0.06
C ALA D 70 -7.80 15.08 -1.57
N ALA D 71 -7.90 16.25 -2.19
CA ALA D 71 -8.02 16.35 -3.65
C ALA D 71 -6.86 15.65 -4.36
N ALA D 72 -5.64 15.83 -3.83
CA ALA D 72 -4.43 15.23 -4.38
C ALA D 72 -4.18 13.76 -3.96
N GLY D 73 -5.20 13.08 -3.44
CA GLY D 73 -5.04 11.67 -3.08
C GLY D 73 -4.60 11.32 -1.66
N PHE D 74 -4.35 12.32 -0.83
CA PHE D 74 -3.78 12.08 0.50
C PHE D 74 -4.86 11.93 1.55
N PHE D 75 -4.61 11.04 2.52
CA PHE D 75 -5.46 10.93 3.72
C PHE D 75 -4.57 11.12 4.94
N HIS D 76 -5.18 11.60 6.02
CA HIS D 76 -4.45 11.84 7.26
C HIS D 76 -4.23 10.52 8.00
N THR D 77 -3.02 10.33 8.54
CA THR D 77 -2.76 9.13 9.36
C THR D 77 -3.25 9.27 10.81
N GLY D 78 -3.55 10.51 11.22
CA GLY D 78 -4.03 10.76 12.58
C GLY D 78 -2.88 11.06 13.51
N HIS D 79 -1.69 11.23 12.94
CA HIS D 79 -0.50 11.59 13.71
C HIS D 79 0.14 12.83 13.07
N GLN D 80 0.18 13.92 13.83
CA GLN D 80 0.71 15.21 13.37
C GLN D 80 0.13 15.58 12.00
N ASP D 81 0.96 16.15 11.13
CA ASP D 81 0.48 16.50 9.79
C ASP D 81 0.93 15.47 8.73
N LYS D 82 0.99 14.21 9.15
CA LYS D 82 1.37 13.11 8.27
C LYS D 82 0.23 12.65 7.38
N VAL D 83 0.54 12.47 6.10
CA VAL D 83 -0.44 11.98 5.14
C VAL D 83 0.15 10.84 4.34
N ARG D 84 -0.73 10.06 3.72
CA ARG D 84 -0.33 9.01 2.81
C ARG D 84 -1.29 9.03 1.63
N CYS D 85 -0.77 8.73 0.44
CA CYS D 85 -1.62 8.67 -0.73
C CYS D 85 -2.32 7.33 -0.70
N PHE D 86 -3.61 7.31 -1.03
CA PHE D 86 -4.35 6.03 -1.03
C PHE D 86 -3.80 5.05 -2.06
N PHE D 87 -3.30 5.58 -3.18
CA PHE D 87 -2.80 4.74 -4.26
C PHE D 87 -1.37 4.26 -4.06
N CYS D 88 -0.41 5.19 -4.06
CA CYS D 88 1.01 4.84 -3.98
C CYS D 88 1.49 4.63 -2.55
N TYR D 89 0.66 5.01 -1.58
CA TYR D 89 1.00 4.93 -0.16
C TYR D 89 2.21 5.77 0.25
N GLY D 90 2.60 6.69 -0.61
CA GLY D 90 3.70 7.60 -0.31
C GLY D 90 3.34 8.59 0.78
N GLY D 91 4.27 8.79 1.72
CA GLY D 91 4.02 9.55 2.92
C GLY D 91 4.78 10.86 3.08
N LEU D 92 4.02 11.94 3.26
CA LEU D 92 4.56 13.28 3.39
C LEU D 92 4.15 13.91 4.70
N GLN D 93 4.95 14.87 5.17
CA GLN D 93 4.69 15.60 6.41
C GLN D 93 5.46 16.94 6.43
N SER D 94 5.28 17.69 7.52
CA SER D 94 5.89 19.02 7.70
C SER D 94 5.51 19.93 6.54
N TRP D 95 4.21 20.02 6.27
CA TRP D 95 3.71 20.83 5.17
C TRP D 95 3.91 22.30 5.52
N LYS D 96 4.03 23.14 4.49
CA LYS D 96 4.39 24.54 4.67
C LYS D 96 3.50 25.45 3.85
N ARG D 97 3.23 26.64 4.37
CA ARG D 97 2.37 27.60 3.69
C ARG D 97 2.84 27.73 2.24
N GLY D 98 1.92 27.51 1.30
CA GLY D 98 2.24 27.60 -0.12
C GLY D 98 2.48 26.28 -0.83
N ASP D 99 2.90 25.26 -0.08
CA ASP D 99 3.10 23.91 -0.62
C ASP D 99 1.88 23.42 -1.36
N ASP D 100 2.10 22.96 -2.59
CA ASP D 100 1.05 22.43 -3.44
C ASP D 100 1.07 20.90 -3.37
N PRO D 101 0.02 20.30 -2.78
CA PRO D 101 -0.06 18.84 -2.62
C PRO D 101 0.21 18.05 -3.92
N TRP D 102 -0.40 18.47 -5.03
CA TRP D 102 -0.16 17.81 -6.32
C TRP D 102 1.32 17.84 -6.70
N THR D 103 1.94 19.01 -6.57
CA THR D 103 3.36 19.18 -6.91
C THR D 103 4.26 18.31 -6.04
N GLU D 104 3.96 18.23 -4.75
CA GLU D 104 4.74 17.40 -3.84
C GLU D 104 4.59 15.93 -4.21
N HIS D 105 3.37 15.56 -4.57
CA HIS D 105 3.03 14.20 -4.95
C HIS D 105 3.90 13.77 -6.14
N ALA D 106 4.02 14.67 -7.12
CA ALA D 106 4.82 14.41 -8.31
C ALA D 106 6.32 14.49 -8.03
N LYS D 107 6.70 15.42 -7.16
CA LYS D 107 8.08 15.54 -6.73
C LYS D 107 8.57 14.23 -6.10
N TRP D 108 7.74 13.58 -5.31
CA TRP D 108 8.22 12.45 -4.51
C TRP D 108 7.81 11.08 -5.00
N PHE D 109 6.63 10.95 -5.61
CA PHE D 109 6.18 9.64 -6.03
C PHE D 109 5.76 9.66 -7.49
N PRO D 110 6.73 9.89 -8.38
CA PRO D 110 6.47 10.08 -9.81
C PRO D 110 5.77 8.91 -10.51
N SER D 111 5.90 7.68 -10.01
CA SER D 111 5.25 6.56 -10.70
C SER D 111 3.83 6.23 -10.22
N CYS D 112 3.28 7.04 -9.32
CA CYS D 112 1.93 6.85 -8.80
C CYS D 112 0.87 6.97 -9.90
N GLN D 113 0.06 5.92 -10.03
CA GLN D 113 -0.88 5.83 -11.14
C GLN D 113 -2.07 6.76 -11.00
N PHE D 114 -2.42 7.10 -9.76
CA PHE D 114 -3.53 8.02 -9.51
C PHE D 114 -3.07 9.44 -9.84
N LEU D 115 -1.85 9.77 -9.39
CA LEU D 115 -1.20 11.02 -9.76
C LEU D 115 -1.19 11.12 -11.28
N LEU D 116 -0.72 10.06 -11.95
CA LEU D 116 -0.59 10.05 -13.40
C LEU D 116 -1.92 10.16 -14.15
N ARG D 117 -2.94 9.39 -13.75
CA ARG D 117 -4.27 9.48 -14.37
C ARG D 117 -4.83 10.91 -14.28
N SER D 118 -4.65 11.54 -13.13
CA SER D 118 -5.25 12.85 -12.85
C SER D 118 -4.51 14.00 -13.54
N LYS D 119 -3.20 14.05 -13.29
CA LYS D 119 -2.37 15.19 -13.70
C LYS D 119 -1.63 15.00 -15.03
N GLY D 120 -1.42 13.76 -15.44
CA GLY D 120 -0.75 13.45 -16.69
C GLY D 120 0.75 13.33 -16.54
N ARG D 121 1.36 12.54 -17.44
CA ARG D 121 2.80 12.31 -17.44
C ARG D 121 3.58 13.62 -17.67
N ASP D 122 3.01 14.51 -18.48
CA ASP D 122 3.66 15.79 -18.74
C ASP D 122 3.94 16.59 -17.47
N PHE D 123 2.89 16.77 -16.67
CA PHE D 123 3.00 17.48 -15.41
C PHE D 123 4.08 16.88 -14.49
N VAL D 124 4.08 15.56 -14.34
CA VAL D 124 5.03 14.87 -13.46
C VAL D 124 6.47 15.03 -13.98
N HIS D 125 6.66 14.83 -15.27
CA HIS D 125 7.95 15.01 -15.92
C HIS D 125 8.50 16.40 -15.65
N SER D 126 7.68 17.42 -15.86
CA SER D 126 8.10 18.82 -15.71
C SER D 126 8.51 19.15 -14.27
N VAL D 127 7.77 18.61 -13.30
CA VAL D 127 8.10 18.78 -11.88
C VAL D 127 9.40 18.03 -11.54
N GLN D 128 9.60 16.84 -12.12
CA GLN D 128 10.80 16.06 -11.85
C GLN D 128 12.05 16.78 -12.33
N GLU D 129 11.90 17.58 -13.38
CA GLU D 129 13.03 18.26 -14.01
C GLU D 129 13.48 19.53 -13.29
N THR D 130 12.55 20.23 -12.64
CA THR D 130 12.93 21.30 -11.71
C THR D 130 13.43 20.61 -10.44
N HIS D 131 14.65 20.08 -10.53
CA HIS D 131 15.26 19.15 -9.57
C HIS D 131 14.67 19.17 -8.16
N GLY E 39 -4.79 -0.18 -28.11
CA GLY E 39 -3.51 0.43 -28.55
C GLY E 39 -3.71 1.50 -29.60
N PRO E 40 -2.61 2.04 -30.13
CA PRO E 40 -2.68 3.13 -31.12
C PRO E 40 -3.39 2.71 -32.41
N ALA E 41 -4.06 3.66 -33.04
CA ALA E 41 -4.65 3.45 -34.36
C ALA E 41 -3.55 3.25 -35.40
N PHE E 42 -2.44 3.96 -35.23
CA PHE E 42 -1.35 3.96 -36.20
C PHE E 42 -0.03 3.81 -35.42
N PRO E 43 0.28 2.58 -35.03
CA PRO E 43 1.47 2.30 -34.20
C PRO E 43 2.76 2.87 -34.81
N GLY E 44 2.89 2.78 -36.13
CA GLY E 44 4.08 3.23 -36.80
C GLY E 44 4.45 4.68 -36.58
N MET E 45 3.51 5.50 -36.11
CA MET E 45 3.80 6.90 -35.80
C MET E 45 3.87 7.17 -34.29
N GLY E 46 4.15 6.12 -33.51
CA GLY E 46 4.31 6.24 -32.08
C GLY E 46 5.54 7.03 -31.66
N SER E 47 6.55 7.10 -32.52
CA SER E 47 7.75 7.86 -32.24
C SER E 47 7.55 9.38 -32.43
N GLU E 48 7.85 10.14 -31.39
CA GLU E 48 7.77 11.60 -31.45
C GLU E 48 8.78 12.17 -32.44
N GLU E 49 9.95 11.55 -32.51
CA GLU E 49 10.98 11.93 -33.47
C GLU E 49 10.43 11.82 -34.89
N LEU E 50 9.83 10.66 -35.19
CA LEU E 50 9.24 10.40 -36.50
C LEU E 50 8.11 11.37 -36.83
N ARG E 51 7.23 11.62 -35.85
CA ARG E 51 6.15 12.59 -36.01
C ARG E 51 6.69 13.98 -36.38
N LEU E 52 7.77 14.39 -35.71
CA LEU E 52 8.42 15.67 -35.98
C LEU E 52 9.00 15.71 -37.40
N ALA E 53 9.66 14.62 -37.81
CA ALA E 53 10.22 14.54 -39.15
C ALA E 53 9.15 14.76 -40.22
N SER E 54 7.93 14.34 -39.93
CA SER E 54 6.83 14.44 -40.88
C SER E 54 6.47 15.89 -41.23
N PHE E 55 6.95 16.83 -40.42
CA PHE E 55 6.69 18.25 -40.61
C PHE E 55 7.74 18.98 -41.46
N TYR E 56 8.59 18.24 -42.17
CA TYR E 56 9.65 18.87 -42.97
C TYR E 56 9.11 19.87 -44.01
N ASP E 57 7.86 19.69 -44.44
CA ASP E 57 7.21 20.58 -45.41
C ASP E 57 6.00 21.26 -44.80
N TRP E 58 5.99 21.43 -43.47
CA TRP E 58 4.94 22.18 -42.79
C TRP E 58 4.95 23.63 -43.29
N PRO E 59 3.80 24.10 -43.80
CA PRO E 59 3.70 25.46 -44.36
C PRO E 59 3.99 26.53 -43.31
N LEU E 60 4.79 27.52 -43.69
CA LEU E 60 5.12 28.66 -42.82
C LEU E 60 3.89 29.48 -42.42
N THR E 61 2.83 29.41 -43.23
CA THR E 61 1.62 30.19 -42.97
C THR E 61 0.77 29.61 -41.84
N ALA E 62 1.13 28.39 -41.41
CA ALA E 62 0.37 27.71 -40.36
C ALA E 62 0.51 28.43 -39.01
N GLU E 63 1.75 28.74 -38.64
CA GLU E 63 2.05 29.52 -37.44
C GLU E 63 1.75 28.78 -36.13
N VAL E 64 1.84 27.46 -36.15
CA VAL E 64 1.85 26.62 -34.96
C VAL E 64 3.12 25.77 -35.01
N PRO E 65 3.91 25.80 -33.94
CA PRO E 65 5.17 25.03 -33.88
C PRO E 65 4.98 23.52 -34.13
N PRO E 66 5.71 22.98 -35.12
CA PRO E 66 5.79 21.54 -35.33
C PRO E 66 6.19 20.77 -34.09
N GLU E 67 7.12 21.31 -33.31
CA GLU E 67 7.58 20.61 -32.11
C GLU E 67 6.40 20.40 -31.14
N LEU E 68 5.59 21.44 -30.98
CA LEU E 68 4.39 21.36 -30.16
C LEU E 68 3.38 20.35 -30.72
N LEU E 69 3.16 20.38 -32.03
CA LEU E 69 2.24 19.45 -32.69
C LEU E 69 2.63 17.99 -32.54
N ALA E 70 3.90 17.68 -32.78
CA ALA E 70 4.43 16.32 -32.64
C ALA E 70 4.35 15.79 -31.20
N ALA E 71 4.75 16.62 -30.24
CA ALA E 71 4.63 16.27 -28.82
C ALA E 71 3.19 15.93 -28.44
N ALA E 72 2.23 16.58 -29.08
CA ALA E 72 0.81 16.39 -28.79
C ALA E 72 0.19 15.18 -29.50
N GLY E 73 1.03 14.36 -30.14
CA GLY E 73 0.55 13.17 -30.82
C GLY E 73 0.35 13.29 -32.32
N PHE E 74 0.49 14.50 -32.86
CA PHE E 74 0.13 14.76 -34.26
C PHE E 74 1.28 14.58 -35.24
N PHE E 75 0.99 14.01 -36.41
CA PHE E 75 1.93 14.02 -37.53
C PHE E 75 1.30 14.71 -38.73
N HIS E 76 2.14 15.32 -39.57
CA HIS E 76 1.70 15.96 -40.82
C HIS E 76 1.26 14.93 -41.86
N THR E 77 0.09 15.13 -42.46
CA THR E 77 -0.39 14.25 -43.54
C THR E 77 0.33 14.55 -44.87
N GLY E 78 0.68 15.82 -45.07
CA GLY E 78 1.44 16.23 -46.23
C GLY E 78 0.62 17.18 -47.07
N HIS E 79 -0.69 16.96 -47.11
CA HIS E 79 -1.58 17.91 -47.77
C HIS E 79 -1.94 19.06 -46.82
N GLN E 80 -1.48 20.26 -47.19
CA GLN E 80 -1.83 21.53 -46.53
C GLN E 80 -1.31 21.57 -45.09
N ASP E 81 -2.21 21.88 -44.16
CA ASP E 81 -1.88 21.95 -42.75
C ASP E 81 -2.68 20.91 -41.96
N LYS E 82 -2.95 19.79 -42.62
CA LYS E 82 -3.69 18.70 -42.02
C LYS E 82 -2.75 17.82 -41.19
N VAL E 83 -3.09 17.67 -39.92
CA VAL E 83 -2.37 16.75 -39.04
C VAL E 83 -3.33 15.67 -38.53
N ARG E 84 -2.75 14.61 -37.97
CA ARG E 84 -3.54 13.49 -37.46
C ARG E 84 -2.84 12.87 -36.26
N CYS E 85 -3.61 12.55 -35.23
CA CYS E 85 -3.04 11.89 -34.05
C CYS E 85 -2.73 10.42 -34.36
N PHE E 86 -1.51 9.99 -34.06
CA PHE E 86 -1.15 8.59 -34.22
C PHE E 86 -2.03 7.62 -33.42
N PHE E 87 -2.50 8.08 -32.25
CA PHE E 87 -3.23 7.22 -31.33
C PHE E 87 -4.73 7.12 -31.64
N CYS E 88 -5.42 8.26 -31.70
CA CYS E 88 -6.87 8.27 -31.96
C CYS E 88 -7.28 8.46 -33.43
N TYR E 89 -6.33 8.77 -34.32
CA TYR E 89 -6.57 9.05 -35.74
C TYR E 89 -7.43 10.30 -36.06
N GLY E 90 -7.74 11.09 -35.03
CA GLY E 90 -8.34 12.40 -35.23
C GLY E 90 -7.50 13.35 -36.09
N GLY E 91 -8.15 13.93 -37.10
CA GLY E 91 -7.53 14.90 -37.98
C GLY E 91 -7.97 16.34 -37.68
N LEU E 92 -7.01 17.25 -37.74
CA LEU E 92 -7.26 18.68 -37.56
C LEU E 92 -6.53 19.46 -38.64
N GLN E 93 -7.10 20.62 -39.00
CA GLN E 93 -6.55 21.51 -40.00
C GLN E 93 -6.96 22.94 -39.67
N SER E 94 -6.68 23.87 -40.58
CA SER E 94 -6.94 25.30 -40.36
C SER E 94 -6.36 25.77 -39.02
N TRP E 95 -5.06 25.57 -38.87
CA TRP E 95 -4.35 25.98 -37.67
C TRP E 95 -4.12 27.49 -37.71
N LYS E 96 -4.47 28.16 -36.62
CA LYS E 96 -4.26 29.61 -36.49
C LYS E 96 -3.27 29.90 -35.37
N ARG E 97 -2.52 30.99 -35.50
CA ARG E 97 -1.55 31.43 -34.49
C ARG E 97 -2.21 31.44 -33.10
N GLY E 98 -1.54 30.83 -32.14
CA GLY E 98 -2.06 30.79 -30.79
C GLY E 98 -2.78 29.50 -30.43
N ASP E 99 -3.17 28.72 -31.45
CA ASP E 99 -3.72 27.40 -31.23
C ASP E 99 -2.76 26.57 -30.38
N ASP E 100 -3.30 25.91 -29.35
CA ASP E 100 -2.49 25.01 -28.53
C ASP E 100 -2.82 23.56 -28.92
N PRO E 101 -1.88 22.87 -29.57
CA PRO E 101 -2.09 21.46 -29.97
C PRO E 101 -2.79 20.59 -28.93
N TRP E 102 -2.22 20.48 -27.73
CA TRP E 102 -2.88 19.75 -26.64
C TRP E 102 -4.33 20.18 -26.43
N THR E 103 -4.56 21.48 -26.31
CA THR E 103 -5.92 22.00 -26.10
C THR E 103 -6.85 21.64 -27.27
N GLU E 104 -6.36 21.75 -28.49
CA GLU E 104 -7.17 21.36 -29.65
C GLU E 104 -7.44 19.86 -29.60
N HIS E 105 -6.42 19.08 -29.25
CA HIS E 105 -6.57 17.64 -29.04
C HIS E 105 -7.73 17.35 -28.08
N ALA E 106 -7.72 18.08 -26.96
CA ALA E 106 -8.69 17.90 -25.88
C ALA E 106 -10.08 18.37 -26.29
N LYS E 107 -10.14 19.48 -27.02
CA LYS E 107 -11.41 20.05 -27.51
C LYS E 107 -12.13 19.02 -28.36
N TRP E 108 -11.39 18.41 -29.28
CA TRP E 108 -11.99 17.68 -30.39
C TRP E 108 -12.00 16.17 -30.25
N PHE E 109 -10.99 15.63 -29.54
CA PHE E 109 -10.85 14.19 -29.33
C PHE E 109 -10.59 13.83 -27.85
N PRO E 110 -11.49 14.24 -26.96
CA PRO E 110 -11.25 14.14 -25.51
C PRO E 110 -11.02 12.73 -24.97
N SER E 111 -11.49 11.72 -25.70
CA SER E 111 -11.35 10.34 -25.23
C SER E 111 -10.11 9.65 -25.78
N CYS E 112 -9.24 10.38 -26.48
CA CYS E 112 -7.96 9.83 -26.92
C CYS E 112 -7.13 9.48 -25.69
N GLN E 113 -6.74 8.21 -25.60
CA GLN E 113 -5.98 7.72 -24.46
C GLN E 113 -4.55 8.27 -24.41
N PHE E 114 -3.95 8.58 -25.56
CA PHE E 114 -2.61 9.16 -25.56
C PHE E 114 -2.69 10.55 -24.96
N LEU E 115 -3.68 11.32 -25.39
CA LEU E 115 -3.99 12.60 -24.75
C LEU E 115 -4.22 12.45 -23.23
N LEU E 116 -5.04 11.47 -22.85
CA LEU E 116 -5.39 11.28 -21.44
C LEU E 116 -4.18 10.93 -20.60
N ARG E 117 -3.33 10.03 -21.09
CA ARG E 117 -2.13 9.63 -20.35
C ARG E 117 -1.13 10.77 -20.24
N SER E 118 -1.04 11.58 -21.30
CA SER E 118 -0.07 12.67 -21.35
C SER E 118 -0.49 13.90 -20.55
N LYS E 119 -1.76 14.28 -20.68
CA LYS E 119 -2.23 15.50 -20.04
C LYS E 119 -3.06 15.30 -18.78
N GLY E 120 -3.53 14.07 -18.56
CA GLY E 120 -4.36 13.76 -17.41
C GLY E 120 -5.83 14.12 -17.59
N ARG E 121 -6.67 13.47 -16.80
CA ARG E 121 -8.12 13.70 -16.77
C ARG E 121 -8.54 15.16 -16.49
N ASP E 122 -7.86 15.82 -15.55
CA ASP E 122 -8.29 17.14 -15.13
C ASP E 122 -8.24 18.16 -16.27
N PHE E 123 -7.09 18.21 -16.95
CA PHE E 123 -6.87 19.03 -18.15
C PHE E 123 -7.96 18.83 -19.20
N VAL E 124 -8.21 17.58 -19.57
CA VAL E 124 -9.20 17.28 -20.60
C VAL E 124 -10.58 17.73 -20.14
N HIS E 125 -10.94 17.36 -18.91
CA HIS E 125 -12.20 17.78 -18.31
C HIS E 125 -12.35 19.30 -18.35
N SER E 126 -11.30 19.99 -17.93
CA SER E 126 -11.28 21.44 -17.90
C SER E 126 -11.45 22.04 -19.30
N VAL E 127 -10.80 21.47 -20.30
CA VAL E 127 -10.95 21.96 -21.67
C VAL E 127 -12.36 21.65 -22.19
N GLN E 128 -12.88 20.48 -21.83
CA GLN E 128 -14.21 20.05 -22.30
C GLN E 128 -15.35 20.91 -21.76
N GLU E 129 -15.11 21.57 -20.61
CA GLU E 129 -16.13 22.41 -19.97
C GLU E 129 -16.41 23.69 -20.76
N THR E 130 -15.41 24.58 -20.84
CA THR E 130 -15.50 25.79 -21.65
C THR E 130 -15.63 25.37 -23.12
N HIS E 131 -16.87 25.08 -23.51
CA HIS E 131 -17.28 24.32 -24.71
C HIS E 131 -16.22 23.88 -25.72
N SER E 132 -16.36 22.63 -26.18
CA SER E 132 -15.41 22.01 -27.10
C SER E 132 -15.33 22.71 -28.47
N ALA F 1 -8.06 25.49 -34.62
CA ALA F 1 -8.11 24.32 -35.53
C ALA F 1 -9.52 23.77 -35.59
N GLU F 2 -9.85 23.13 -36.70
CA GLU F 2 -11.16 22.50 -36.87
C GLU F 2 -11.01 21.08 -37.36
N VAL F 3 -11.96 20.23 -37.00
CA VAL F 3 -11.96 18.84 -37.40
C VAL F 3 -12.10 18.73 -38.91
N VAL F 4 -11.41 17.77 -39.51
CA VAL F 4 -11.62 17.47 -40.91
C VAL F 4 -12.66 16.36 -41.03
#